data_5BND
#
_entry.id   5BND
#
_cell.length_a   104.576
_cell.length_b   124.749
_cell.length_c   56.132
_cell.angle_alpha   90.00
_cell.angle_beta   90.00
_cell.angle_gamma   90.00
#
_symmetry.space_group_name_H-M   'P 21 21 2'
#
loop_
_entity.id
_entity.type
_entity.pdbx_description
1 polymer 'ABC transporter, ATP-binding protein'
2 water water
#
_entity_poly.entity_id   1
_entity_poly.type   'polypeptide(L)'
_entity_poly.pdbx_seq_one_letter_code
;TYEEKLAYGLALDGSVTLNGSKDLKVPKYSLITITGENNKRYRVEMNQRRYSVSKNQVFYFNPAGLYESHTFKKLSPYIK
SNYSTYVEYFNSHLHQKHDKVTETLRPDKDKKYVVPITQQPIKMIFGDNDKLSGFVIPMTNKTELKKTFNITKDVWITKS
GSGYFIADMKEEKWIYIEL
;
_entity_poly.pdbx_strand_id   A,B,C
#
# COMPACT_ATOMS: atom_id res chain seq x y z
N THR A 1 -0.95 -19.28 -24.20
CA THR A 1 0.49 -19.06 -24.12
C THR A 1 0.99 -19.45 -22.74
N TYR A 2 0.23 -19.10 -21.71
CA TYR A 2 0.51 -19.56 -20.35
C TYR A 2 -0.69 -20.15 -19.64
N GLU A 3 -0.42 -21.20 -18.87
CA GLU A 3 -1.41 -21.81 -18.02
C GLU A 3 -1.47 -21.03 -16.70
N GLU A 4 -2.67 -20.65 -16.28
CA GLU A 4 -2.85 -19.89 -15.04
C GLU A 4 -2.50 -20.74 -13.80
N LYS A 5 -1.52 -20.30 -13.03
CA LYS A 5 -0.95 -21.09 -11.91
C LYS A 5 -0.48 -20.17 -10.79
N LEU A 6 -0.43 -20.67 -9.57
CA LEU A 6 0.22 -19.91 -8.50
C LEU A 6 1.12 -20.79 -7.64
N ALA A 7 2.42 -20.48 -7.62
CA ALA A 7 3.37 -21.26 -6.81
C ALA A 7 4.66 -20.47 -6.58
N TYR A 8 5.67 -21.14 -6.00
CA TYR A 8 6.94 -20.47 -5.76
C TYR A 8 8.12 -21.12 -6.48
N GLY A 9 9.15 -20.32 -6.75
CA GLY A 9 10.38 -20.80 -7.34
C GLY A 9 11.59 -20.33 -6.58
N LEU A 10 12.59 -21.18 -6.47
CA LEU A 10 13.79 -20.83 -5.71
C LEU A 10 15.06 -20.84 -6.58
N ALA A 11 15.78 -19.73 -6.60
CA ALA A 11 17.01 -19.65 -7.38
C ALA A 11 18.14 -20.39 -6.68
N LEU A 12 18.03 -21.71 -6.63
CA LEU A 12 18.98 -22.56 -5.93
C LEU A 12 20.32 -22.68 -6.67
N ASP A 13 20.28 -22.71 -8.00
CA ASP A 13 21.48 -23.02 -8.78
C ASP A 13 22.41 -21.81 -8.96
N GLY A 14 21.87 -20.61 -8.79
CA GLY A 14 22.67 -19.41 -8.92
C GLY A 14 21.75 -18.25 -9.22
N SER A 15 22.34 -17.08 -9.52
CA SER A 15 21.56 -15.93 -9.91
C SER A 15 20.74 -16.23 -11.17
N VAL A 16 19.72 -15.43 -11.40
CA VAL A 16 18.78 -15.65 -12.50
C VAL A 16 18.39 -14.33 -13.13
N THR A 17 18.25 -14.33 -14.45
CA THR A 17 17.76 -13.14 -15.13
C THR A 17 16.32 -13.37 -15.54
N LEU A 18 15.44 -12.50 -15.09
CA LEU A 18 14.05 -12.58 -15.47
C LEU A 18 13.80 -11.73 -16.71
N ASN A 19 13.39 -12.38 -17.79
CA ASN A 19 13.17 -11.72 -19.07
C ASN A 19 11.81 -11.01 -19.12
N GLY A 20 11.84 -9.72 -19.43
CA GLY A 20 10.62 -8.95 -19.56
C GLY A 20 10.88 -7.81 -20.51
N SER A 21 10.02 -6.79 -20.45
CA SER A 21 10.23 -5.56 -21.22
C SER A 21 11.63 -5.03 -20.89
N LYS A 22 11.90 -4.88 -19.59
CA LYS A 22 13.28 -4.75 -19.15
C LYS A 22 13.71 -5.95 -18.30
N ASP A 23 14.88 -6.50 -18.60
CA ASP A 23 15.37 -7.69 -17.92
C ASP A 23 15.71 -7.37 -16.46
N LEU A 24 15.69 -8.40 -15.62
CA LEU A 24 15.94 -8.22 -14.17
C LEU A 24 16.72 -9.37 -13.57
N LYS A 25 17.90 -9.05 -13.04
CA LYS A 25 18.74 -10.07 -12.40
C LYS A 25 18.44 -10.22 -10.90
N VAL A 26 18.20 -11.44 -10.45
CA VAL A 26 17.89 -11.68 -9.04
C VAL A 26 18.95 -12.61 -8.47
N PRO A 27 19.35 -12.38 -7.22
CA PRO A 27 20.47 -13.07 -6.60
C PRO A 27 20.23 -14.58 -6.45
N LYS A 28 21.30 -15.30 -6.17
CA LYS A 28 21.18 -16.69 -5.84
C LYS A 28 20.28 -16.76 -4.60
N TYR A 29 19.42 -17.77 -4.53
CA TYR A 29 18.51 -18.03 -3.40
C TYR A 29 17.28 -17.16 -3.34
N SER A 30 16.96 -16.43 -4.40
CA SER A 30 15.75 -15.61 -4.43
C SER A 30 14.50 -16.46 -4.34
N LEU A 31 13.49 -15.95 -3.64
CA LEU A 31 12.17 -16.59 -3.63
C LEU A 31 11.31 -15.85 -4.65
N ILE A 32 10.80 -16.59 -5.63
CA ILE A 32 10.11 -16.02 -6.78
C ILE A 32 8.70 -16.55 -6.84
N THR A 33 7.74 -15.66 -7.12
CA THR A 33 6.36 -16.12 -7.24
C THR A 33 6.03 -16.53 -8.67
N ILE A 34 5.75 -17.81 -8.87
CA ILE A 34 5.32 -18.31 -10.17
C ILE A 34 3.84 -18.02 -10.45
N THR A 35 3.54 -17.36 -11.57
CA THR A 35 2.12 -17.14 -11.94
C THR A 35 1.60 -17.87 -13.21
N GLY A 36 2.49 -18.53 -13.95
CA GLY A 36 2.08 -19.31 -15.10
C GLY A 36 3.11 -20.31 -15.61
N GLU A 37 2.67 -21.25 -16.46
CA GLU A 37 3.56 -22.29 -17.01
C GLU A 37 3.31 -22.61 -18.50
N ASN A 38 4.35 -23.01 -19.23
CA ASN A 38 4.21 -23.51 -20.61
C ASN A 38 5.36 -24.38 -21.16
N ASN A 39 5.57 -25.56 -20.58
CA ASN A 39 6.47 -26.56 -21.19
C ASN A 39 7.94 -26.12 -21.16
N LYS A 40 8.17 -24.88 -21.59
CA LYS A 40 9.51 -24.29 -21.64
C LYS A 40 9.75 -23.24 -20.53
N ARG A 41 8.73 -22.46 -20.18
CA ARG A 41 8.96 -21.33 -19.26
C ARG A 41 8.00 -21.26 -18.07
N TYR A 42 8.43 -20.59 -17.00
CA TYR A 42 7.50 -20.15 -15.96
C TYR A 42 7.18 -18.68 -16.14
N ARG A 43 5.92 -18.30 -15.92
CA ARG A 43 5.61 -16.89 -15.77
C ARG A 43 5.78 -16.57 -14.31
N VAL A 44 6.53 -15.52 -14.02
CA VAL A 44 6.82 -15.17 -12.64
C VAL A 44 6.51 -13.69 -12.49
N GLU A 45 6.07 -13.31 -11.29
CA GLU A 45 5.79 -11.91 -11.04
C GLU A 45 6.66 -11.35 -9.91
N MET A 46 7.39 -10.27 -10.20
CA MET A 46 8.19 -9.61 -9.20
C MET A 46 7.90 -8.11 -9.17
N ASN A 47 7.55 -7.60 -7.99
CA ASN A 47 7.13 -6.20 -7.83
C ASN A 47 6.07 -5.73 -8.83
N GLN A 48 5.03 -6.54 -8.99
CA GLN A 48 3.87 -6.22 -9.82
C GLN A 48 4.19 -5.98 -11.31
N ARG A 49 5.23 -6.63 -11.81
CA ARG A 49 5.51 -6.71 -13.26
C ARG A 49 5.65 -8.19 -13.70
N ARG A 50 5.25 -8.51 -14.95
CA ARG A 50 5.38 -9.90 -15.42
C ARG A 50 6.74 -10.10 -16.06
N TYR A 51 7.36 -11.23 -15.74
CA TYR A 51 8.60 -11.64 -16.38
C TYR A 51 8.49 -13.11 -16.72
N SER A 52 9.54 -13.65 -17.31
CA SER A 52 9.54 -15.03 -17.72
C SER A 52 10.91 -15.64 -17.49
N VAL A 53 10.94 -16.93 -17.22
CA VAL A 53 12.19 -17.63 -17.01
C VAL A 53 12.05 -19.09 -17.46
N SER A 54 13.17 -19.69 -17.86
CA SER A 54 13.13 -21.10 -18.28
C SER A 54 13.10 -22.02 -17.07
N LYS A 55 12.24 -23.04 -17.13
CA LYS A 55 11.94 -23.86 -15.96
C LYS A 55 13.15 -24.46 -15.23
N ASN A 56 14.22 -24.74 -15.96
CA ASN A 56 15.34 -25.45 -15.35
C ASN A 56 16.20 -24.51 -14.53
N GLN A 57 15.94 -23.21 -14.61
CA GLN A 57 16.79 -22.26 -13.90
C GLN A 57 16.34 -21.97 -12.47
N VAL A 58 15.14 -22.43 -12.12
CA VAL A 58 14.65 -22.31 -10.75
C VAL A 58 14.09 -23.65 -10.32
N PHE A 59 14.13 -23.89 -9.00
CA PHE A 59 13.57 -25.08 -8.40
C PHE A 59 12.10 -24.83 -8.05
N TYR A 60 11.21 -25.68 -8.56
CA TYR A 60 9.78 -25.49 -8.35
C TYR A 60 9.32 -25.98 -6.98
N PHE A 61 8.58 -25.13 -6.28
CA PHE A 61 8.17 -25.43 -4.92
C PHE A 61 6.67 -25.20 -4.77
N ASN A 62 5.95 -26.29 -4.51
CA ASN A 62 4.51 -26.26 -4.36
C ASN A 62 4.15 -26.54 -2.92
N PRO A 63 3.68 -25.50 -2.22
CA PRO A 63 3.32 -25.51 -0.80
C PRO A 63 2.19 -26.50 -0.49
N ALA A 64 1.34 -26.73 -1.49
CA ALA A 64 0.22 -27.65 -1.34
C ALA A 64 0.68 -29.11 -1.44
N GLY A 65 1.93 -29.32 -1.85
CA GLY A 65 2.45 -30.67 -2.01
C GLY A 65 2.44 -31.48 -0.73
N LEU A 66 2.76 -32.76 -0.86
CA LEU A 66 2.84 -33.62 0.30
C LEU A 66 4.29 -33.85 0.64
N TYR A 67 4.63 -33.53 1.88
CA TYR A 67 5.98 -33.65 2.33
C TYR A 67 5.94 -34.31 3.69
N GLU A 68 7.08 -34.84 4.13
CA GLU A 68 7.19 -35.41 5.45
C GLU A 68 7.20 -34.25 6.45
N SER A 69 7.08 -34.55 7.73
CA SER A 69 7.22 -33.51 8.75
C SER A 69 8.20 -33.93 9.81
N HIS A 70 8.91 -32.92 10.33
CA HIS A 70 9.91 -33.13 11.36
C HIS A 70 9.97 -31.86 12.16
N THR A 71 10.12 -31.99 13.47
CA THR A 71 10.30 -30.85 14.33
C THR A 71 11.67 -30.22 14.10
N PHE A 72 11.87 -29.03 14.64
CA PHE A 72 13.18 -28.39 14.52
C PHE A 72 14.26 -29.18 15.27
N LYS A 73 13.93 -29.63 16.47
CA LYS A 73 14.84 -30.43 17.28
C LYS A 73 15.45 -31.62 16.50
N LYS A 74 14.64 -32.41 15.79
CA LYS A 74 15.20 -33.52 15.02
C LYS A 74 16.07 -33.06 13.83
N LEU A 75 16.03 -31.76 13.50
CA LEU A 75 16.80 -31.23 12.38
C LEU A 75 18.02 -30.40 12.82
N SER A 76 17.94 -29.78 14.01
CA SER A 76 19.01 -28.91 14.52
C SER A 76 20.44 -29.48 14.50
N PRO A 77 20.60 -30.82 14.67
CA PRO A 77 21.98 -31.34 14.53
C PRO A 77 22.61 -31.04 13.18
N TYR A 78 21.83 -30.74 12.15
CA TYR A 78 22.39 -30.61 10.80
C TYR A 78 22.31 -29.17 10.27
N ILE A 79 21.92 -28.27 11.18
CA ILE A 79 21.83 -26.83 10.92
C ILE A 79 22.89 -26.09 11.73
N LYS A 80 23.59 -25.16 11.09
CA LYS A 80 24.64 -24.38 11.77
C LYS A 80 24.24 -23.71 13.08
N SER A 81 25.05 -23.97 14.11
CA SER A 81 24.78 -23.52 15.46
C SER A 81 24.34 -22.07 15.56
N ASN A 82 24.90 -21.23 14.66
CA ASN A 82 24.60 -19.79 14.64
C ASN A 82 23.11 -19.49 14.58
N TYR A 83 22.43 -20.14 13.66
CA TYR A 83 21.00 -20.06 13.53
C TYR A 83 20.28 -21.03 14.49
N SER A 84 20.74 -22.28 14.54
CA SER A 84 20.07 -23.32 15.35
C SER A 84 19.78 -22.90 16.77
N THR A 85 20.82 -22.46 17.47
CA THR A 85 20.68 -22.16 18.89
C THR A 85 19.70 -21.03 19.07
N TYR A 86 19.70 -20.11 18.11
CA TYR A 86 18.93 -18.88 18.22
C TYR A 86 17.77 -18.81 17.24
N VAL A 87 17.22 -19.97 16.92
CA VAL A 87 16.20 -20.12 15.91
C VAL A 87 14.99 -19.23 16.15
N GLU A 88 14.58 -19.09 17.39
CA GLU A 88 13.37 -18.32 17.59
C GLU A 88 13.72 -16.85 17.54
N TYR A 89 14.95 -16.48 17.85
CA TYR A 89 15.34 -15.09 17.68
C TYR A 89 15.21 -14.67 16.20
N PHE A 90 15.75 -15.49 15.30
CA PHE A 90 15.68 -15.16 13.91
C PHE A 90 14.25 -15.23 13.38
N ASN A 91 13.57 -16.36 13.63
CA ASN A 91 12.22 -16.56 13.11
C ASN A 91 11.24 -15.49 13.63
N SER A 92 11.54 -14.96 14.79
CA SER A 92 10.88 -13.79 15.37
C SER A 92 10.64 -12.62 14.41
N HIS A 93 11.45 -12.52 13.36
CA HIS A 93 11.41 -11.40 12.41
C HIS A 93 10.61 -11.68 11.16
N LEU A 94 10.23 -12.94 10.98
CA LEU A 94 9.49 -13.38 9.81
C LEU A 94 8.16 -12.67 9.59
N HIS A 95 7.87 -12.39 8.33
CA HIS A 95 6.64 -11.72 7.85
C HIS A 95 6.62 -10.25 8.15
N GLN A 96 7.77 -9.68 8.45
CA GLN A 96 7.83 -8.25 8.68
C GLN A 96 8.46 -7.51 7.50
N LYS A 97 8.14 -6.23 7.37
CA LYS A 97 8.64 -5.43 6.24
C LYS A 97 10.15 -5.28 6.27
N HIS A 98 10.75 -5.42 5.09
CA HIS A 98 12.18 -5.22 4.85
C HIS A 98 12.79 -4.02 5.61
N ASP A 99 12.15 -2.86 5.64
CA ASP A 99 12.80 -1.76 6.32
C ASP A 99 12.78 -1.89 7.83
N LYS A 100 11.77 -2.57 8.36
CA LYS A 100 11.74 -2.83 9.78
C LYS A 100 12.78 -3.87 10.16
N VAL A 101 12.85 -4.92 9.36
CA VAL A 101 13.68 -6.04 9.70
C VAL A 101 15.16 -5.68 9.76
N THR A 102 15.59 -4.83 8.85
CA THR A 102 17.02 -4.52 8.74
C THR A 102 17.45 -3.55 9.84
N GLU A 103 16.49 -3.10 10.65
CA GLU A 103 16.81 -2.36 11.86
C GLU A 103 17.52 -3.28 12.88
N THR A 104 17.25 -4.57 12.87
CA THR A 104 17.80 -5.44 13.91
C THR A 104 18.65 -6.55 13.31
N LEU A 105 18.18 -7.14 12.22
CA LEU A 105 19.03 -8.02 11.46
C LEU A 105 19.72 -7.12 10.44
N ARG A 106 20.84 -6.53 10.82
CA ARG A 106 21.49 -5.52 9.99
C ARG A 106 22.42 -6.12 8.95
N PRO A 107 22.24 -5.75 7.68
CA PRO A 107 23.15 -6.15 6.62
C PRO A 107 24.29 -5.16 6.42
N ASP A 108 25.44 -5.63 5.92
CA ASP A 108 26.57 -4.74 5.64
C ASP A 108 26.12 -3.69 4.64
N LYS A 109 25.43 -4.17 3.61
CA LYS A 109 24.84 -3.25 2.66
C LYS A 109 23.56 -3.85 2.14
N ASP A 110 22.49 -3.10 2.32
CA ASP A 110 21.16 -3.57 2.01
C ASP A 110 21.08 -3.74 0.50
N LYS A 111 20.20 -4.63 0.08
CA LYS A 111 20.07 -5.11 -1.29
C LYS A 111 18.67 -5.72 -1.33
N LYS A 112 18.09 -5.95 -2.51
CA LYS A 112 16.76 -6.58 -2.52
C LYS A 112 16.83 -8.10 -2.64
N TYR A 113 15.68 -8.75 -2.40
CA TYR A 113 15.50 -10.21 -2.59
C TYR A 113 16.25 -11.12 -1.61
N VAL A 114 17.57 -11.06 -1.62
CA VAL A 114 18.37 -11.88 -0.73
C VAL A 114 19.49 -11.04 -0.07
N VAL A 115 19.57 -11.06 1.25
CA VAL A 115 20.47 -10.16 1.98
C VAL A 115 21.31 -10.83 3.07
N PRO A 116 22.64 -10.75 2.95
CA PRO A 116 23.48 -11.31 4.00
C PRO A 116 23.37 -10.50 5.27
N ILE A 117 23.28 -11.19 6.41
CA ILE A 117 23.27 -10.56 7.72
C ILE A 117 24.70 -10.36 8.13
N THR A 118 25.01 -9.21 8.71
CA THR A 118 26.40 -8.91 9.05
C THR A 118 26.98 -9.92 10.06
N GLN A 119 28.20 -10.38 9.79
CA GLN A 119 28.95 -11.26 10.69
C GLN A 119 28.27 -12.59 10.93
N GLN A 120 27.46 -13.00 9.97
CA GLN A 120 26.81 -14.31 10.06
C GLN A 120 26.82 -14.98 8.71
N PRO A 121 26.85 -16.31 8.70
CA PRO A 121 26.72 -17.06 7.45
C PRO A 121 25.25 -17.33 7.13
N ILE A 122 24.39 -16.35 7.38
CA ILE A 122 22.95 -16.45 7.19
C ILE A 122 22.47 -15.38 6.20
N LYS A 123 21.64 -15.77 5.25
CA LYS A 123 21.05 -14.80 4.35
C LYS A 123 19.55 -14.68 4.58
N MET A 124 19.04 -13.46 4.52
CA MET A 124 17.61 -13.24 4.63
C MET A 124 16.97 -13.32 3.25
N ILE A 125 15.79 -13.93 3.16
CA ILE A 125 15.05 -14.05 1.92
C ILE A 125 13.77 -13.22 1.94
N PHE A 126 13.64 -12.30 1.00
CA PHE A 126 12.44 -11.48 0.99
C PHE A 126 11.49 -11.90 -0.12
N GLY A 127 10.27 -12.23 0.27
CA GLY A 127 9.27 -12.69 -0.66
C GLY A 127 8.32 -11.58 -1.03
N ASP A 128 7.09 -11.97 -1.37
CA ASP A 128 6.07 -11.02 -1.77
C ASP A 128 5.80 -9.90 -0.76
N ASN A 129 5.61 -8.70 -1.29
CA ASN A 129 5.26 -7.51 -0.52
C ASN A 129 6.45 -7.06 0.31
N ASP A 130 7.64 -7.47 -0.14
CA ASP A 130 8.93 -7.17 0.51
C ASP A 130 8.93 -7.49 2.02
N LYS A 131 8.39 -8.65 2.37
CA LYS A 131 8.44 -9.12 3.74
C LYS A 131 9.40 -10.27 3.85
N LEU A 132 10.01 -10.43 5.03
CA LEU A 132 10.92 -11.54 5.27
C LEU A 132 10.19 -12.87 5.16
N SER A 133 10.67 -13.74 4.28
CA SER A 133 10.00 -15.01 4.06
C SER A 133 10.80 -16.21 4.51
N GLY A 134 12.08 -16.04 4.77
CA GLY A 134 12.88 -17.17 5.18
C GLY A 134 14.37 -16.92 5.29
N PHE A 135 15.13 -18.00 5.53
CA PHE A 135 16.58 -17.87 5.70
C PHE A 135 17.37 -18.90 4.90
N VAL A 136 18.58 -18.51 4.50
CA VAL A 136 19.58 -19.40 3.95
C VAL A 136 20.59 -19.66 5.06
N ILE A 137 20.74 -20.93 5.40
CA ILE A 137 21.46 -21.34 6.61
C ILE A 137 22.38 -22.50 6.24
N PRO A 138 23.62 -22.53 6.77
CA PRO A 138 24.58 -23.59 6.40
C PRO A 138 24.20 -24.98 6.91
N MET A 139 24.65 -26.00 6.18
CA MET A 139 24.34 -27.38 6.56
C MET A 139 25.55 -28.02 7.24
N THR A 140 25.33 -28.72 8.36
CA THR A 140 26.43 -29.42 9.04
C THR A 140 26.12 -30.91 9.14
N ASN A 141 27.18 -31.72 9.04
CA ASN A 141 27.09 -33.18 9.12
C ASN A 141 26.23 -33.80 8.01
N LYS A 142 26.52 -33.44 6.77
CA LYS A 142 25.76 -33.90 5.62
C LYS A 142 25.61 -35.41 5.54
N THR A 143 26.71 -36.13 5.77
CA THR A 143 26.71 -37.56 5.55
C THR A 143 25.85 -38.20 6.62
N GLU A 144 25.92 -37.66 7.82
CA GLU A 144 25.06 -38.11 8.90
C GLU A 144 23.58 -37.74 8.65
N LEU A 145 23.33 -36.66 7.91
CA LEU A 145 21.96 -36.22 7.65
C LEU A 145 21.26 -37.10 6.63
N LYS A 146 21.96 -37.35 5.52
CA LYS A 146 21.34 -37.98 4.36
C LYS A 146 20.98 -39.45 4.60
N LYS A 147 21.55 -40.06 5.63
CA LYS A 147 21.18 -41.44 5.95
C LYS A 147 20.30 -41.55 7.23
N THR A 148 19.99 -40.41 7.84
CA THR A 148 19.10 -40.35 9.01
C THR A 148 17.62 -40.21 8.64
N PHE A 149 17.36 -39.52 7.54
CA PHE A 149 16.02 -39.30 7.04
C PHE A 149 15.90 -39.95 5.69
N ASN A 150 16.93 -40.75 5.36
CA ASN A 150 16.92 -41.57 4.16
C ASN A 150 16.60 -40.77 2.93
N ILE A 151 17.56 -39.92 2.62
CA ILE A 151 17.46 -38.94 1.56
C ILE A 151 18.29 -39.45 0.43
N THR A 152 17.69 -39.43 -0.75
CA THR A 152 18.28 -40.00 -1.95
C THR A 152 18.38 -38.94 -3.06
N LYS A 153 17.64 -37.84 -2.92
CA LYS A 153 17.58 -36.83 -3.98
C LYS A 153 18.58 -35.69 -3.72
N ASP A 154 18.78 -34.83 -4.71
CA ASP A 154 19.75 -33.74 -4.54
C ASP A 154 19.18 -32.58 -3.73
N VAL A 155 17.85 -32.50 -3.70
CA VAL A 155 17.15 -31.43 -3.00
C VAL A 155 16.00 -32.06 -2.27
N TRP A 156 15.96 -31.83 -0.97
CA TRP A 156 15.02 -32.49 -0.06
C TRP A 156 14.17 -31.48 0.69
N ILE A 157 12.85 -31.66 0.63
CA ILE A 157 11.90 -30.74 1.24
C ILE A 157 11.12 -31.43 2.33
N THR A 158 10.92 -30.72 3.43
CA THR A 158 10.09 -31.22 4.52
C THR A 158 9.37 -30.07 5.19
N LYS A 159 8.19 -30.33 5.72
CA LYS A 159 7.54 -29.37 6.61
C LYS A 159 8.26 -29.41 7.94
N SER A 160 8.16 -28.31 8.68
CA SER A 160 8.74 -28.23 10.01
C SER A 160 8.12 -27.03 10.73
N GLY A 161 7.43 -27.31 11.84
CA GLY A 161 6.68 -26.30 12.57
C GLY A 161 5.78 -25.49 11.65
N SER A 162 5.95 -24.17 11.71
CA SER A 162 5.13 -23.25 10.94
C SER A 162 5.56 -23.13 9.48
N GLY A 163 6.54 -23.94 9.07
CA GLY A 163 7.13 -23.75 7.76
C GLY A 163 7.71 -24.96 7.06
N TYR A 164 8.69 -24.69 6.21
CA TYR A 164 9.32 -25.69 5.34
C TYR A 164 10.83 -25.56 5.43
N PHE A 165 11.52 -26.69 5.30
CA PHE A 165 12.96 -26.69 5.16
C PHE A 165 13.32 -27.31 3.82
N ILE A 166 14.17 -26.64 3.07
CA ILE A 166 14.58 -27.17 1.79
C ILE A 166 16.08 -27.42 1.85
N ALA A 167 16.47 -28.69 1.71
CA ALA A 167 17.88 -29.02 1.82
C ALA A 167 18.48 -29.21 0.45
N ASP A 168 19.36 -28.28 0.08
CA ASP A 168 20.17 -28.43 -1.12
C ASP A 168 21.43 -29.21 -0.73
N MET A 169 21.46 -30.48 -1.10
CA MET A 169 22.53 -31.38 -0.66
C MET A 169 23.86 -31.04 -1.27
N LYS A 170 23.87 -30.80 -2.58
CA LYS A 170 25.11 -30.46 -3.25
C LYS A 170 25.73 -29.16 -2.67
N GLU A 171 24.95 -28.13 -2.32
CA GLU A 171 25.60 -26.90 -1.85
C GLU A 171 25.64 -26.83 -0.34
N GLU A 172 25.09 -27.85 0.32
CA GLU A 172 25.19 -27.94 1.76
C GLU A 172 24.64 -26.68 2.42
N LYS A 173 23.43 -26.32 1.99
CA LYS A 173 22.69 -25.21 2.57
C LYS A 173 21.22 -25.53 2.81
N TRP A 174 20.68 -24.93 3.86
CA TRP A 174 19.26 -25.03 4.13
C TRP A 174 18.57 -23.75 3.68
N ILE A 175 17.38 -23.89 3.15
CA ILE A 175 16.48 -22.75 3.03
C ILE A 175 15.32 -22.99 3.96
N TYR A 176 15.17 -22.16 4.98
CA TYR A 176 13.93 -22.20 5.75
C TYR A 176 12.99 -21.19 5.11
N ILE A 177 11.78 -21.63 4.77
CA ILE A 177 10.78 -20.72 4.21
C ILE A 177 9.49 -20.80 5.01
N GLU A 178 8.92 -19.65 5.31
CA GLU A 178 7.69 -19.66 6.07
C GLU A 178 6.62 -18.93 5.33
N LEU A 179 5.52 -19.67 5.15
CA LEU A 179 4.35 -19.29 4.38
C LEU A 179 4.72 -19.05 2.92
N THR B 1 -30.47 18.99 5.55
CA THR B 1 -30.75 17.94 4.58
C THR B 1 -29.76 16.77 4.69
N TYR B 2 -28.46 17.04 4.86
CA TYR B 2 -27.52 15.96 5.21
C TYR B 2 -26.57 16.38 6.32
N GLU B 3 -26.29 15.46 7.23
CA GLU B 3 -25.31 15.71 8.26
C GLU B 3 -23.90 15.37 7.75
N GLU B 4 -22.96 16.31 7.88
CA GLU B 4 -21.62 16.13 7.32
C GLU B 4 -20.84 15.00 7.99
N LYS B 5 -20.46 14.04 7.18
CA LYS B 5 -19.87 12.82 7.67
C LYS B 5 -18.87 12.31 6.66
N LEU B 6 -17.88 11.56 7.08
CA LEU B 6 -17.04 10.86 6.15
C LEU B 6 -16.88 9.45 6.69
N ALA B 7 -17.33 8.47 5.91
CA ALA B 7 -17.26 7.06 6.31
C ALA B 7 -17.35 6.15 5.08
N TYR B 8 -17.44 4.84 5.31
CA TYR B 8 -17.58 3.89 4.18
C TYR B 8 -18.84 3.02 4.27
N GLY B 9 -19.32 2.60 3.11
CA GLY B 9 -20.44 1.69 3.03
C GLY B 9 -20.11 0.52 2.12
N LEU B 10 -20.64 -0.66 2.44
CA LEU B 10 -20.41 -1.86 1.63
C LEU B 10 -21.69 -2.45 1.06
N ALA B 11 -21.72 -2.64 -0.26
CA ALA B 11 -22.91 -3.23 -0.91
C ALA B 11 -22.96 -4.72 -0.62
N LEU B 12 -23.25 -5.05 0.63
CA LEU B 12 -23.27 -6.45 1.05
C LEU B 12 -24.45 -7.25 0.56
N ASP B 13 -25.63 -6.63 0.47
CA ASP B 13 -26.81 -7.42 0.21
C ASP B 13 -26.96 -7.77 -1.26
N GLY B 14 -26.34 -6.99 -2.13
CA GLY B 14 -26.47 -7.20 -3.56
C GLY B 14 -26.16 -5.90 -4.28
N SER B 15 -26.46 -5.82 -5.57
CA SER B 15 -26.27 -4.57 -6.28
C SER B 15 -27.04 -3.44 -5.61
N VAL B 16 -26.63 -2.21 -5.91
CA VAL B 16 -27.25 -1.05 -5.30
C VAL B 16 -27.30 0.03 -6.36
N THR B 17 -28.39 0.80 -6.39
CA THR B 17 -28.47 1.96 -7.28
C THR B 17 -28.29 3.23 -6.49
N LEU B 18 -27.31 4.02 -6.88
CA LEU B 18 -27.05 5.31 -6.24
C LEU B 18 -27.73 6.42 -7.04
N ASN B 19 -28.70 7.09 -6.42
CA ASN B 19 -29.49 8.10 -7.10
C ASN B 19 -28.84 9.47 -7.24
N GLY B 20 -28.78 9.94 -8.48
CA GLY B 20 -28.22 11.25 -8.79
C GLY B 20 -28.80 11.82 -10.07
N SER B 21 -28.08 12.77 -10.66
CA SER B 21 -28.45 13.37 -11.94
C SER B 21 -28.65 12.30 -13.00
N LYS B 22 -27.65 11.47 -13.18
CA LYS B 22 -27.85 10.19 -13.86
C LYS B 22 -27.62 9.11 -12.83
N ASP B 23 -28.54 8.16 -12.73
CA ASP B 23 -28.42 7.11 -11.74
C ASP B 23 -27.23 6.20 -12.08
N LEU B 24 -26.73 5.51 -11.06
CA LEU B 24 -25.51 4.74 -11.25
C LEU B 24 -25.62 3.39 -10.56
N LYS B 25 -25.52 2.31 -11.34
CA LYS B 25 -25.60 1.00 -10.73
C LYS B 25 -24.21 0.52 -10.33
N VAL B 26 -24.14 0.07 -9.09
CA VAL B 26 -22.90 -0.39 -8.49
C VAL B 26 -23.01 -1.84 -8.00
N PRO B 27 -21.98 -2.66 -8.26
CA PRO B 27 -22.02 -4.12 -8.03
C PRO B 27 -22.12 -4.53 -6.58
N LYS B 28 -22.49 -5.78 -6.33
CA LYS B 28 -22.45 -6.32 -4.98
C LYS B 28 -21.01 -6.27 -4.48
N TYR B 29 -20.84 -5.92 -3.20
CA TYR B 29 -19.54 -5.80 -2.52
C TYR B 29 -18.77 -4.55 -2.89
N SER B 30 -19.41 -3.59 -3.54
CA SER B 30 -18.75 -2.31 -3.81
C SER B 30 -18.41 -1.59 -2.52
N LEU B 31 -17.29 -0.88 -2.54
CA LEU B 31 -16.89 -0.06 -1.43
C LEU B 31 -17.26 1.36 -1.78
N ILE B 32 -18.09 1.98 -0.96
CA ILE B 32 -18.71 3.27 -1.27
C ILE B 32 -18.30 4.29 -0.25
N THR B 33 -18.00 5.52 -0.68
CA THR B 33 -17.64 6.53 0.31
C THR B 33 -18.86 7.34 0.77
N ILE B 34 -19.24 7.21 2.05
CA ILE B 34 -20.35 8.00 2.62
C ILE B 34 -19.87 9.40 2.94
N THR B 35 -20.55 10.43 2.44
CA THR B 35 -20.18 11.81 2.78
C THR B 35 -21.26 12.52 3.59
N GLY B 36 -22.41 11.87 3.74
CA GLY B 36 -23.44 12.40 4.60
C GLY B 36 -24.49 11.37 4.93
N GLU B 37 -25.26 11.67 5.99
CA GLU B 37 -26.35 10.83 6.50
C GLU B 37 -27.54 11.70 6.87
N ASN B 38 -28.75 11.19 6.68
CA ASN B 38 -29.93 11.91 7.15
C ASN B 38 -31.15 11.05 7.40
N ASN B 39 -31.11 10.18 8.40
CA ASN B 39 -32.42 9.68 8.86
C ASN B 39 -33.08 8.72 7.84
N LYS B 40 -33.11 9.09 6.56
CA LYS B 40 -33.59 8.20 5.51
C LYS B 40 -32.48 7.68 4.57
N ARG B 41 -31.52 8.54 4.21
CA ARG B 41 -30.56 8.22 3.16
C ARG B 41 -29.11 8.49 3.56
N TYR B 42 -28.14 7.85 2.90
CA TYR B 42 -26.74 8.32 3.00
C TYR B 42 -26.42 9.20 1.80
N ARG B 43 -25.65 10.26 2.00
CA ARG B 43 -25.07 10.92 0.83
C ARG B 43 -23.77 10.20 0.47
N VAL B 44 -23.64 9.91 -0.82
CA VAL B 44 -22.56 9.06 -1.30
C VAL B 44 -21.83 9.75 -2.43
N GLU B 45 -20.51 9.58 -2.48
CA GLU B 45 -19.72 10.19 -3.52
C GLU B 45 -18.95 9.15 -4.33
N MET B 46 -19.17 9.19 -5.64
CA MET B 46 -18.46 8.35 -6.58
C MET B 46 -17.96 9.16 -7.75
N ASN B 47 -16.66 9.04 -8.01
CA ASN B 47 -15.99 9.80 -9.06
C ASN B 47 -16.33 11.28 -9.02
N GLN B 48 -16.29 11.88 -7.83
CA GLN B 48 -16.49 13.33 -7.62
C GLN B 48 -17.84 13.85 -8.09
N ARG B 49 -18.83 12.97 -8.06
CA ARG B 49 -20.23 13.34 -8.26
C ARG B 49 -21.04 12.84 -7.07
N ARG B 50 -22.06 13.61 -6.66
CA ARG B 50 -22.83 13.19 -5.49
C ARG B 50 -24.04 12.34 -5.84
N TYR B 51 -24.27 11.30 -5.05
CA TYR B 51 -25.43 10.43 -5.21
C TYR B 51 -26.07 10.18 -3.87
N SER B 52 -27.13 9.38 -3.88
CA SER B 52 -27.86 9.09 -2.66
C SER B 52 -28.40 7.68 -2.69
N VAL B 53 -28.47 7.07 -1.52
CA VAL B 53 -29.04 5.73 -1.35
C VAL B 53 -29.61 5.60 0.08
N SER B 54 -30.63 4.76 0.24
CA SER B 54 -31.22 4.57 1.57
C SER B 54 -30.39 3.60 2.38
N LYS B 55 -30.26 3.91 3.67
CA LYS B 55 -29.33 3.24 4.56
C LYS B 55 -29.38 1.71 4.56
N ASN B 56 -30.55 1.13 4.33
CA ASN B 56 -30.70 -0.32 4.51
C ASN B 56 -30.10 -1.09 3.34
N GLN B 57 -29.77 -0.37 2.28
CA GLN B 57 -29.27 -0.99 1.08
C GLN B 57 -27.75 -1.16 1.08
N VAL B 58 -27.08 -0.56 2.08
CA VAL B 58 -25.64 -0.72 2.23
C VAL B 58 -25.25 -1.01 3.70
N PHE B 59 -24.11 -1.67 3.90
CA PHE B 59 -23.60 -1.93 5.23
C PHE B 59 -22.69 -0.78 5.70
N TYR B 60 -23.01 -0.16 6.82
CA TYR B 60 -22.24 0.98 7.28
C TYR B 60 -20.97 0.51 7.96
N PHE B 61 -19.84 1.09 7.58
CA PHE B 61 -18.53 0.66 8.08
C PHE B 61 -17.67 1.86 8.49
N ASN B 62 -17.32 1.94 9.78
CA ASN B 62 -16.50 3.01 10.32
C ASN B 62 -15.13 2.52 10.79
N PRO B 63 -14.06 2.93 10.11
CA PRO B 63 -12.68 2.51 10.40
C PRO B 63 -12.25 2.90 11.81
N ALA B 64 -12.84 3.99 12.31
CA ALA B 64 -12.57 4.49 13.65
C ALA B 64 -13.33 3.67 14.70
N GLY B 65 -14.19 2.78 14.24
CA GLY B 65 -15.01 1.95 15.10
C GLY B 65 -14.26 1.06 16.07
N LEU B 66 -14.99 0.38 16.92
CA LEU B 66 -14.39 -0.50 17.91
C LEU B 66 -14.43 -1.95 17.44
N TYR B 67 -13.24 -2.52 17.24
CA TYR B 67 -13.15 -3.91 16.77
C TYR B 67 -12.06 -4.70 17.46
N GLU B 68 -12.18 -6.02 17.36
CA GLU B 68 -11.17 -6.94 17.83
C GLU B 68 -9.96 -7.03 16.90
N SER B 69 -8.89 -7.68 17.34
CA SER B 69 -7.75 -7.94 16.48
C SER B 69 -7.30 -9.38 16.50
N HIS B 70 -6.85 -9.81 15.34
CA HIS B 70 -6.38 -11.16 15.10
C HIS B 70 -5.37 -11.09 13.98
N THR B 71 -4.30 -11.87 14.09
CA THR B 71 -3.37 -11.98 12.97
C THR B 71 -4.04 -12.76 11.84
N PHE B 72 -3.39 -12.76 10.68
CA PHE B 72 -3.88 -13.51 9.54
C PHE B 72 -3.81 -15.00 9.83
N LYS B 73 -2.69 -15.37 10.43
CA LYS B 73 -2.38 -16.73 10.84
C LYS B 73 -3.54 -17.35 11.62
N LYS B 74 -4.08 -16.61 12.60
CA LYS B 74 -5.22 -17.07 13.37
C LYS B 74 -6.51 -17.07 12.55
N LEU B 75 -6.48 -16.43 11.38
CA LEU B 75 -7.69 -16.36 10.57
C LEU B 75 -7.61 -17.27 9.38
N SER B 76 -6.39 -17.55 8.96
CA SER B 76 -6.12 -18.39 7.80
C SER B 76 -6.87 -19.73 7.72
N PRO B 77 -7.10 -20.42 8.86
CA PRO B 77 -7.86 -21.69 8.78
C PRO B 77 -9.23 -21.59 8.12
N TYR B 78 -9.79 -20.39 8.02
CA TYR B 78 -11.17 -20.22 7.56
C TYR B 78 -11.22 -19.48 6.23
N ILE B 79 -10.03 -19.28 5.66
CA ILE B 79 -9.90 -18.59 4.39
C ILE B 79 -9.46 -19.51 3.27
N LYS B 80 -10.07 -19.34 2.10
CA LYS B 80 -9.74 -20.10 0.89
C LYS B 80 -8.24 -20.17 0.58
N SER B 81 -7.75 -21.40 0.44
CA SER B 81 -6.33 -21.67 0.22
C SER B 81 -5.67 -20.82 -0.87
N ASN B 82 -6.45 -20.51 -1.91
CA ASN B 82 -5.92 -19.75 -3.05
C ASN B 82 -5.30 -18.46 -2.59
N TYR B 83 -6.08 -17.72 -1.81
CA TYR B 83 -5.69 -16.46 -1.23
C TYR B 83 -4.89 -16.68 0.04
N SER B 84 -5.30 -17.66 0.85
CA SER B 84 -4.61 -17.95 2.13
C SER B 84 -3.12 -18.10 1.92
N THR B 85 -2.72 -19.02 1.04
CA THR B 85 -1.30 -19.31 0.86
C THR B 85 -0.54 -18.14 0.25
N TYR B 86 -1.18 -17.41 -0.66
CA TYR B 86 -0.43 -16.41 -1.42
C TYR B 86 -0.87 -14.99 -1.07
N VAL B 87 -1.28 -14.82 0.18
CA VAL B 87 -1.86 -13.58 0.64
C VAL B 87 -0.99 -12.34 0.40
N GLU B 88 0.32 -12.48 0.51
CA GLU B 88 1.16 -11.31 0.35
C GLU B 88 1.38 -11.02 -1.13
N TYR B 89 1.18 -12.02 -1.98
CA TYR B 89 1.20 -11.80 -3.41
C TYR B 89 0.04 -10.89 -3.83
N PHE B 90 -1.15 -11.22 -3.35
CA PHE B 90 -2.31 -10.43 -3.69
C PHE B 90 -2.22 -9.05 -3.06
N ASN B 91 -2.01 -9.00 -1.74
CA ASN B 91 -1.96 -7.73 -1.01
C ASN B 91 -0.84 -6.83 -1.50
N SER B 92 0.17 -7.45 -2.10
CA SER B 92 1.21 -6.72 -2.81
C SER B 92 0.64 -5.67 -3.79
N HIS B 93 -0.60 -5.86 -4.24
CA HIS B 93 -1.18 -4.98 -5.24
C HIS B 93 -2.04 -3.90 -4.64
N LEU B 94 -2.30 -3.99 -3.34
CA LEU B 94 -3.16 -3.02 -2.69
C LEU B 94 -2.64 -1.62 -2.85
N HIS B 95 -3.58 -0.71 -3.08
CA HIS B 95 -3.37 0.74 -3.23
C HIS B 95 -2.72 1.24 -4.52
N GLN B 96 -2.69 0.45 -5.60
CA GLN B 96 -2.11 0.95 -6.85
C GLN B 96 -3.29 1.24 -7.80
N LYS B 97 -3.05 2.05 -8.83
CA LYS B 97 -4.07 2.39 -9.81
C LYS B 97 -4.64 1.18 -10.51
N HIS B 98 -5.96 1.17 -10.63
CA HIS B 98 -6.70 0.14 -11.36
C HIS B 98 -6.02 -0.34 -12.66
N ASP B 99 -5.54 0.58 -13.51
CA ASP B 99 -4.99 0.13 -14.80
C ASP B 99 -3.62 -0.57 -14.64
N LYS B 100 -2.86 -0.21 -13.62
CA LYS B 100 -1.64 -0.94 -13.34
C LYS B 100 -1.95 -2.32 -12.79
N VAL B 101 -2.90 -2.39 -11.87
CA VAL B 101 -3.16 -3.60 -11.14
C VAL B 101 -3.58 -4.70 -12.09
N THR B 102 -4.31 -4.35 -13.14
CA THR B 102 -4.87 -5.34 -14.06
C THR B 102 -3.86 -5.86 -15.07
N GLU B 103 -2.65 -5.28 -15.07
CA GLU B 103 -1.56 -5.82 -15.87
C GLU B 103 -1.18 -7.19 -15.35
N THR B 104 -1.40 -7.41 -14.05
CA THR B 104 -0.95 -8.62 -13.37
C THR B 104 -2.08 -9.39 -12.69
N LEU B 105 -2.98 -8.70 -12.00
CA LEU B 105 -4.21 -9.36 -11.55
C LEU B 105 -5.21 -9.16 -12.66
N ARG B 106 -5.21 -10.10 -13.61
CA ARG B 106 -5.92 -9.97 -14.88
C ARG B 106 -7.38 -10.39 -14.80
N PRO B 107 -8.31 -9.52 -15.22
CA PRO B 107 -9.72 -9.87 -15.31
C PRO B 107 -10.14 -10.46 -16.66
N ASP B 108 -11.15 -11.33 -16.69
CA ASP B 108 -11.68 -11.86 -17.96
C ASP B 108 -12.25 -10.71 -18.80
N LYS B 109 -12.95 -9.79 -18.13
CA LYS B 109 -13.41 -8.54 -18.70
C LYS B 109 -13.36 -7.45 -17.65
N ASP B 110 -12.62 -6.39 -17.95
CA ASP B 110 -12.42 -5.33 -16.98
C ASP B 110 -13.76 -4.61 -16.75
N LYS B 111 -13.90 -4.04 -15.57
CA LYS B 111 -15.18 -3.55 -15.10
C LYS B 111 -14.87 -2.55 -13.98
N LYS B 112 -15.83 -1.73 -13.59
CA LYS B 112 -15.57 -0.79 -12.50
C LYS B 112 -15.96 -1.42 -11.14
N TYR B 113 -15.49 -0.79 -10.06
CA TYR B 113 -15.91 -1.09 -8.68
C TYR B 113 -15.51 -2.47 -8.13
N VAL B 114 -16.02 -3.54 -8.73
CA VAL B 114 -15.67 -4.90 -8.30
C VAL B 114 -15.45 -5.82 -9.50
N VAL B 115 -14.29 -6.47 -9.56
CA VAL B 115 -13.86 -7.22 -10.74
C VAL B 115 -13.33 -8.62 -10.40
N PRO B 116 -13.94 -9.68 -10.95
CA PRO B 116 -13.44 -11.05 -10.73
C PRO B 116 -12.07 -11.30 -11.35
N ILE B 117 -11.19 -12.00 -10.63
CA ILE B 117 -9.88 -12.37 -11.19
C ILE B 117 -10.01 -13.68 -12.00
N THR B 118 -9.34 -13.73 -13.14
CA THR B 118 -9.52 -14.86 -14.05
C THR B 118 -9.12 -16.19 -13.39
N GLN B 119 -9.99 -17.19 -13.51
CA GLN B 119 -9.72 -18.54 -13.03
C GLN B 119 -9.41 -18.57 -11.53
N GLN B 120 -9.96 -17.60 -10.80
CA GLN B 120 -9.85 -17.58 -9.34
C GLN B 120 -11.19 -17.18 -8.76
N PRO B 121 -11.51 -17.70 -7.57
CA PRO B 121 -12.75 -17.26 -6.90
C PRO B 121 -12.54 -16.00 -6.07
N ILE B 122 -11.76 -15.06 -6.63
CA ILE B 122 -11.40 -13.83 -5.95
C ILE B 122 -11.84 -12.59 -6.75
N LYS B 123 -12.48 -11.65 -6.08
CA LYS B 123 -12.86 -10.40 -6.73
C LYS B 123 -12.06 -9.23 -6.14
N MET B 124 -11.62 -8.33 -7.01
CA MET B 124 -10.91 -7.15 -6.55
C MET B 124 -11.90 -6.02 -6.27
N ILE B 125 -11.68 -5.30 -5.17
CA ILE B 125 -12.52 -4.17 -4.79
C ILE B 125 -11.72 -2.89 -4.95
N PHE B 126 -12.23 -1.98 -5.77
CA PHE B 126 -11.57 -0.70 -6.03
C PHE B 126 -12.24 0.42 -5.26
N GLY B 127 -11.45 1.18 -4.52
CA GLY B 127 -12.01 2.28 -3.78
C GLY B 127 -11.75 3.63 -4.45
N ASP B 128 -11.70 4.66 -3.62
CA ASP B 128 -11.45 6.03 -4.07
C ASP B 128 -10.21 6.15 -4.91
N ASN B 129 -10.28 7.00 -5.94
CA ASN B 129 -9.15 7.33 -6.80
C ASN B 129 -8.74 6.18 -7.73
N ASP B 130 -9.68 5.27 -7.96
CA ASP B 130 -9.50 4.07 -8.77
C ASP B 130 -8.26 3.28 -8.34
N LYS B 131 -8.06 3.17 -7.03
CA LYS B 131 -7.00 2.31 -6.52
C LYS B 131 -7.58 1.06 -5.88
N LEU B 132 -6.85 -0.04 -6.01
CA LEU B 132 -7.26 -1.32 -5.44
C LEU B 132 -7.36 -1.21 -3.93
N SER B 133 -8.53 -1.50 -3.38
CA SER B 133 -8.75 -1.32 -1.95
C SER B 133 -8.97 -2.62 -1.14
N GLY B 134 -9.23 -3.73 -1.83
CA GLY B 134 -9.50 -4.97 -1.13
C GLY B 134 -9.96 -6.15 -1.98
N PHE B 135 -10.36 -7.23 -1.32
CA PHE B 135 -10.79 -8.47 -2.00
C PHE B 135 -12.08 -9.13 -1.48
N VAL B 136 -12.78 -9.80 -2.38
CA VAL B 136 -13.83 -10.74 -2.00
C VAL B 136 -13.23 -12.13 -2.16
N ILE B 137 -13.24 -12.90 -1.06
CA ILE B 137 -12.53 -14.19 -0.95
C ILE B 137 -13.45 -15.22 -0.28
N PRO B 138 -13.44 -16.47 -0.78
CA PRO B 138 -14.35 -17.44 -0.15
C PRO B 138 -13.98 -17.79 1.29
N MET B 139 -15.03 -18.15 2.04
CA MET B 139 -14.91 -18.57 3.43
C MET B 139 -15.08 -20.08 3.52
N THR B 140 -14.23 -20.74 4.31
CA THR B 140 -14.36 -22.18 4.52
C THR B 140 -14.53 -22.47 6.00
N ASN B 141 -15.28 -23.51 6.31
CA ASN B 141 -15.54 -23.96 7.69
C ASN B 141 -16.28 -22.91 8.50
N LYS B 142 -17.38 -22.43 7.93
CA LYS B 142 -18.21 -21.40 8.53
C LYS B 142 -18.63 -21.74 9.95
N THR B 143 -19.10 -22.97 10.15
CA THR B 143 -19.71 -23.34 11.41
C THR B 143 -18.65 -23.51 12.49
N GLU B 144 -17.49 -24.02 12.10
CA GLU B 144 -16.37 -24.13 13.01
C GLU B 144 -15.84 -22.72 13.32
N LEU B 145 -16.03 -21.78 12.39
CA LEU B 145 -15.54 -20.42 12.57
C LEU B 145 -16.40 -19.68 13.56
N LYS B 146 -17.71 -19.90 13.44
CA LYS B 146 -18.72 -19.10 14.12
C LYS B 146 -18.59 -19.23 15.62
N LYS B 147 -18.02 -20.33 16.08
CA LYS B 147 -17.88 -20.54 17.52
C LYS B 147 -16.44 -20.49 18.02
N THR B 148 -15.50 -20.21 17.13
CA THR B 148 -14.12 -20.04 17.57
C THR B 148 -13.93 -18.58 17.98
N PHE B 149 -14.70 -17.70 17.35
CA PHE B 149 -14.62 -16.28 17.70
C PHE B 149 -15.94 -15.79 18.25
N ASN B 150 -16.86 -16.74 18.50
CA ASN B 150 -18.14 -16.44 19.14
C ASN B 150 -18.92 -15.34 18.41
N ILE B 151 -19.41 -15.68 17.23
CA ILE B 151 -20.12 -14.73 16.40
C ILE B 151 -21.62 -15.01 16.41
N THR B 152 -22.42 -13.97 16.56
CA THR B 152 -23.86 -14.18 16.75
C THR B 152 -24.69 -13.55 15.63
N LYS B 153 -24.10 -12.58 14.93
CA LYS B 153 -24.83 -11.82 13.90
C LYS B 153 -24.49 -12.32 12.49
N ASP B 154 -25.21 -11.81 11.49
CA ASP B 154 -24.99 -12.24 10.09
C ASP B 154 -23.72 -11.65 9.50
N VAL B 155 -23.18 -10.62 10.14
CA VAL B 155 -22.00 -9.89 9.66
C VAL B 155 -21.01 -9.55 10.78
N TRP B 156 -19.75 -9.91 10.59
CA TRP B 156 -18.73 -9.74 11.62
C TRP B 156 -17.46 -9.01 11.11
N ILE B 157 -16.98 -8.02 11.86
CA ILE B 157 -15.78 -7.26 11.47
C ILE B 157 -14.66 -7.37 12.48
N THR B 158 -13.45 -7.48 11.99
CA THR B 158 -12.30 -7.43 12.89
C THR B 158 -11.15 -6.67 12.23
N LYS B 159 -10.33 -6.00 13.02
CA LYS B 159 -9.07 -5.47 12.49
C LYS B 159 -8.20 -6.66 12.31
N SER B 160 -7.21 -6.54 11.42
CA SER B 160 -6.25 -7.61 11.17
C SER B 160 -5.08 -7.02 10.42
N GLY B 161 -3.87 -7.13 10.97
CA GLY B 161 -2.68 -6.56 10.35
C GLY B 161 -2.89 -5.13 9.94
N SER B 162 -2.61 -4.82 8.67
CA SER B 162 -2.75 -3.45 8.17
C SER B 162 -4.19 -3.09 7.81
N GLY B 163 -5.14 -3.99 8.07
CA GLY B 163 -6.48 -3.78 7.57
C GLY B 163 -7.63 -4.38 8.33
N TYR B 164 -8.70 -4.67 7.60
CA TYR B 164 -9.93 -5.16 8.20
C TYR B 164 -10.37 -6.42 7.48
N PHE B 165 -10.97 -7.34 8.22
CA PHE B 165 -11.63 -8.49 7.63
C PHE B 165 -13.13 -8.46 7.97
N ILE B 166 -13.95 -8.63 6.93
CA ILE B 166 -15.39 -8.64 7.09
C ILE B 166 -16.03 -9.93 6.62
N ALA B 167 -16.73 -10.58 7.53
CA ALA B 167 -17.34 -11.85 7.25
C ALA B 167 -18.82 -11.73 6.91
N ASP B 168 -19.21 -12.03 5.67
CA ASP B 168 -20.63 -12.25 5.41
C ASP B 168 -20.92 -13.72 5.66
N MET B 169 -21.62 -14.00 6.75
CA MET B 169 -21.95 -15.37 7.14
C MET B 169 -22.95 -16.01 6.19
N LYS B 170 -23.98 -15.26 5.79
CA LYS B 170 -25.02 -15.81 4.93
C LYS B 170 -24.42 -16.38 3.64
N GLU B 171 -23.48 -15.66 3.05
CA GLU B 171 -22.91 -16.09 1.76
C GLU B 171 -21.49 -16.65 1.83
N GLU B 172 -20.95 -16.74 3.03
CA GLU B 172 -19.66 -17.41 3.22
C GLU B 172 -18.57 -16.75 2.37
N LYS B 173 -18.47 -15.44 2.47
CA LYS B 173 -17.41 -14.72 1.78
C LYS B 173 -16.76 -13.75 2.73
N TRP B 174 -15.44 -13.56 2.55
CA TRP B 174 -14.72 -12.56 3.30
C TRP B 174 -14.54 -11.33 2.45
N ILE B 175 -14.61 -10.17 3.10
CA ILE B 175 -14.13 -8.95 2.48
C ILE B 175 -12.89 -8.53 3.24
N TYR B 176 -11.73 -8.55 2.57
CA TYR B 176 -10.56 -7.89 3.13
C TYR B 176 -10.45 -6.49 2.55
N ILE B 177 -10.41 -5.50 3.43
CA ILE B 177 -10.30 -4.10 3.03
C ILE B 177 -9.12 -3.48 3.73
N GLU B 178 -8.35 -2.69 3.00
CA GLU B 178 -7.18 -2.06 3.60
C GLU B 178 -7.23 -0.56 3.40
N LEU B 179 -7.00 0.18 4.49
CA LEU B 179 -7.07 1.63 4.49
C LEU B 179 -8.49 2.09 4.16
N THR C 1 16.11 43.14 -15.85
CA THR C 1 15.54 43.46 -14.54
C THR C 1 15.23 42.17 -13.77
N TYR C 2 14.69 41.17 -14.47
CA TYR C 2 14.43 39.88 -13.86
C TYR C 2 15.05 38.79 -14.69
N GLU C 3 15.59 37.80 -14.00
CA GLU C 3 16.11 36.64 -14.68
C GLU C 3 15.01 35.62 -14.91
N GLU C 4 14.92 35.14 -16.14
CA GLU C 4 13.88 34.22 -16.53
C GLU C 4 14.04 32.91 -15.75
N LYS C 5 12.99 32.55 -15.02
CA LYS C 5 12.97 31.40 -14.12
C LYS C 5 11.56 30.85 -14.05
N LEU C 6 11.42 29.57 -13.77
CA LEU C 6 10.08 29.05 -13.49
C LEU C 6 10.20 28.17 -12.25
N ALA C 7 9.47 28.54 -11.21
CA ALA C 7 9.46 27.85 -9.93
C ALA C 7 8.18 28.16 -9.17
N TYR C 8 8.12 27.69 -7.93
CA TYR C 8 6.94 27.91 -7.11
C TYR C 8 7.26 28.63 -5.80
N GLY C 9 6.26 29.32 -5.28
CA GLY C 9 6.42 29.97 -4.00
C GLY C 9 5.28 29.62 -3.07
N LEU C 10 5.58 29.51 -1.78
CA LEU C 10 4.56 29.20 -0.79
C LEU C 10 4.45 30.27 0.29
N ALA C 11 3.26 30.85 0.47
CA ALA C 11 3.05 31.85 1.49
C ALA C 11 2.97 31.26 2.91
N LEU C 12 4.09 30.77 3.42
CA LEU C 12 4.15 30.13 4.75
C LEU C 12 4.04 31.07 5.95
N ASP C 13 4.59 32.28 5.86
CA ASP C 13 4.75 33.11 7.05
C ASP C 13 3.42 33.76 7.40
N GLY C 14 2.53 33.83 6.42
CA GLY C 14 1.23 34.46 6.57
C GLY C 14 0.70 34.88 5.23
N SER C 15 -0.35 35.68 5.22
CA SER C 15 -0.85 36.25 3.98
C SER C 15 0.28 37.05 3.37
N VAL C 16 0.25 37.28 2.06
CA VAL C 16 1.36 37.93 1.38
C VAL C 16 0.79 38.88 0.36
N THR C 17 1.38 40.06 0.21
CA THR C 17 0.87 40.99 -0.78
C THR C 17 1.77 41.02 -2.02
N LEU C 18 1.15 40.81 -3.17
CA LEU C 18 1.85 40.84 -4.44
C LEU C 18 1.82 42.25 -5.01
N ASN C 19 3.00 42.85 -5.14
CA ASN C 19 3.06 44.23 -5.60
C ASN C 19 2.87 44.23 -7.09
N GLY C 20 1.90 44.99 -7.57
CA GLY C 20 1.65 45.11 -9.00
C GLY C 20 0.96 46.41 -9.38
N SER C 21 0.43 46.45 -10.60
CA SER C 21 -0.31 47.61 -11.08
C SER C 21 -1.44 47.92 -10.13
N LYS C 22 -2.28 46.91 -9.92
CA LYS C 22 -3.19 46.92 -8.79
C LYS C 22 -2.68 45.79 -7.90
N ASP C 23 -2.48 46.05 -6.62
CA ASP C 23 -1.91 45.04 -5.74
C ASP C 23 -2.91 43.90 -5.46
N LEU C 24 -2.39 42.76 -5.02
CA LEU C 24 -3.20 41.56 -4.79
C LEU C 24 -2.73 40.83 -3.55
N LYS C 25 -3.60 40.73 -2.55
CA LYS C 25 -3.26 39.99 -1.34
C LYS C 25 -3.71 38.54 -1.46
N VAL C 26 -2.83 37.62 -1.11
CA VAL C 26 -3.15 36.20 -1.18
C VAL C 26 -2.96 35.57 0.19
N PRO C 27 -3.84 34.62 0.54
CA PRO C 27 -3.91 34.03 1.89
C PRO C 27 -2.70 33.19 2.27
N LYS C 28 -2.55 32.90 3.56
CA LYS C 28 -1.48 32.03 4.01
C LYS C 28 -1.61 30.66 3.38
N TYR C 29 -0.44 30.10 3.04
CA TYR C 29 -0.25 28.78 2.40
C TYR C 29 -0.59 28.76 0.89
N SER C 30 -0.74 29.94 0.28
CA SER C 30 -0.93 30.03 -1.16
C SER C 30 0.26 29.47 -1.95
N LEU C 31 -0.05 28.85 -3.07
CA LEU C 31 0.95 28.34 -3.97
C LEU C 31 1.07 29.38 -5.07
N ILE C 32 2.28 29.90 -5.24
CA ILE C 32 2.54 31.04 -6.12
C ILE C 32 3.49 30.56 -7.20
N THR C 33 3.25 30.97 -8.43
CA THR C 33 4.19 30.65 -9.49
C THR C 33 5.23 31.76 -9.67
N ILE C 34 6.50 31.44 -9.43
CA ILE C 34 7.62 32.33 -9.68
C ILE C 34 7.94 32.28 -11.17
N THR C 35 7.98 33.44 -11.84
CA THR C 35 8.38 33.47 -13.24
C THR C 35 9.73 34.18 -13.44
N GLY C 36 10.26 34.79 -12.40
CA GLY C 36 11.57 35.39 -12.48
C GLY C 36 12.18 35.71 -11.13
N GLU C 37 13.50 35.97 -11.12
CA GLU C 37 14.27 36.30 -9.91
C GLU C 37 15.29 37.43 -10.13
N ASN C 38 15.60 38.22 -9.09
CA ASN C 38 16.69 39.21 -9.15
C ASN C 38 17.31 39.67 -7.79
N ASN C 39 17.98 38.76 -7.08
CA ASN C 39 18.78 39.13 -5.89
C ASN C 39 17.90 39.58 -4.70
N LYS C 40 16.95 40.48 -4.96
CA LYS C 40 16.04 40.99 -3.94
C LYS C 40 14.59 40.43 -4.02
N ARG C 41 14.07 40.25 -5.24
CA ARG C 41 12.66 39.91 -5.43
C ARG C 41 12.41 38.70 -6.33
N TYR C 42 11.23 38.10 -6.20
CA TYR C 42 10.75 37.17 -7.22
C TYR C 42 9.75 37.89 -8.13
N ARG C 43 9.81 37.62 -9.43
CA ARG C 43 8.70 37.99 -10.28
C ARG C 43 7.67 36.85 -10.22
N VAL C 44 6.42 37.23 -10.04
CA VAL C 44 5.38 36.27 -9.73
C VAL C 44 4.21 36.44 -10.69
N GLU C 45 3.61 35.35 -11.12
CA GLU C 45 2.44 35.47 -12.00
C GLU C 45 1.21 34.83 -11.41
N MET C 46 0.16 35.64 -11.28
CA MET C 46 -1.15 35.18 -10.82
C MET C 46 -2.25 35.68 -11.75
N ASN C 47 -3.05 34.74 -12.26
CA ASN C 47 -4.14 35.01 -13.20
C ASN C 47 -3.71 35.85 -14.39
N GLN C 48 -2.61 35.41 -15.00
CA GLN C 48 -2.09 36.02 -16.22
C GLN C 48 -1.82 37.52 -16.06
N ARG C 49 -1.53 37.94 -14.82
CA ARG C 49 -0.95 39.25 -14.51
C ARG C 49 0.38 39.15 -13.72
N ARG C 50 1.33 40.03 -14.02
CA ARG C 50 2.62 39.96 -13.35
C ARG C 50 2.64 40.78 -12.09
N TYR C 51 3.22 40.22 -11.06
CA TYR C 51 3.41 40.93 -9.80
C TYR C 51 4.84 40.71 -9.32
N SER C 52 5.13 41.26 -8.15
CA SER C 52 6.46 41.21 -7.59
C SER C 52 6.38 40.98 -6.10
N VAL C 53 7.35 40.26 -5.57
CA VAL C 53 7.37 40.07 -4.14
C VAL C 53 8.84 39.91 -3.74
N SER C 54 9.17 40.34 -2.52
CA SER C 54 10.55 40.21 -2.06
C SER C 54 10.80 38.79 -1.56
N LYS C 55 11.97 38.26 -1.87
CA LYS C 55 12.30 36.84 -1.64
C LYS C 55 12.04 36.32 -0.23
N ASN C 56 12.16 37.20 0.76
CA ASN C 56 12.06 36.81 2.16
C ASN C 56 10.60 36.58 2.56
N GLN C 57 9.69 36.97 1.68
CA GLN C 57 8.25 36.91 1.96
C GLN C 57 7.54 35.61 1.52
N VAL C 58 8.21 34.77 0.74
CA VAL C 58 7.63 33.49 0.32
C VAL C 58 8.67 32.37 0.45
N PHE C 59 8.19 31.15 0.60
CA PHE C 59 9.10 30.01 0.65
C PHE C 59 9.36 29.46 -0.74
N TYR C 60 10.64 29.42 -1.11
CA TYR C 60 11.03 28.97 -2.45
C TYR C 60 11.10 27.48 -2.54
N PHE C 61 10.45 26.95 -3.58
CA PHE C 61 10.28 25.53 -3.77
C PHE C 61 10.56 25.16 -5.20
N ASN C 62 11.59 24.33 -5.40
CA ASN C 62 11.95 23.90 -6.74
C ASN C 62 11.68 22.41 -6.92
N PRO C 63 10.70 22.08 -7.77
CA PRO C 63 10.33 20.69 -7.99
C PRO C 63 11.50 19.82 -8.47
N ALA C 64 12.46 20.45 -9.16
CA ALA C 64 13.63 19.77 -9.68
C ALA C 64 14.69 19.51 -8.60
N GLY C 65 14.51 20.10 -7.41
CA GLY C 65 15.48 19.94 -6.33
C GLY C 65 15.67 18.50 -5.90
N LEU C 66 16.64 18.28 -5.02
CA LEU C 66 16.85 16.94 -4.48
C LEU C 66 16.34 16.87 -3.06
N TYR C 67 15.47 15.88 -2.84
CA TYR C 67 14.75 15.65 -1.59
C TYR C 67 14.77 14.17 -1.22
N GLU C 68 14.40 13.85 0.02
CA GLU C 68 14.25 12.45 0.44
C GLU C 68 12.92 11.90 -0.10
N SER C 69 12.69 10.59 -0.02
CA SER C 69 11.38 10.05 -0.39
C SER C 69 10.79 9.16 0.69
N HIS C 70 9.47 9.21 0.82
CA HIS C 70 8.77 8.44 1.84
C HIS C 70 7.38 8.08 1.36
N THR C 71 6.94 6.86 1.66
CA THR C 71 5.57 6.50 1.35
C THR C 71 4.62 7.23 2.29
N PHE C 72 3.32 7.17 1.98
CA PHE C 72 2.30 7.82 2.82
C PHE C 72 2.22 7.15 4.20
N LYS C 73 2.29 5.82 4.19
CA LYS C 73 2.30 5.03 5.43
C LYS C 73 3.32 5.55 6.44
N LYS C 74 4.56 5.79 5.97
CA LYS C 74 5.64 6.25 6.83
C LYS C 74 5.43 7.68 7.34
N LEU C 75 4.48 8.42 6.77
CA LEU C 75 4.23 9.80 7.18
C LEU C 75 2.88 9.92 7.90
N SER C 76 1.98 9.02 7.53
CA SER C 76 0.60 8.99 8.03
C SER C 76 0.43 9.13 9.55
N PRO C 77 1.39 8.60 10.36
CA PRO C 77 1.29 8.84 11.80
C PRO C 77 1.28 10.29 12.23
N TYR C 78 1.75 11.25 11.42
CA TYR C 78 1.85 12.62 11.91
C TYR C 78 0.86 13.55 11.22
N ILE C 79 -0.06 12.93 10.48
CA ILE C 79 -1.14 13.62 9.80
C ILE C 79 -2.46 13.32 10.51
N LYS C 80 -3.26 14.36 10.77
CA LYS C 80 -4.58 14.20 11.39
C LYS C 80 -5.46 13.20 10.61
N SER C 81 -5.98 12.22 11.34
CA SER C 81 -6.74 11.09 10.78
C SER C 81 -7.81 11.44 9.72
N ASN C 82 -8.41 12.65 9.83
CA ASN C 82 -9.47 13.06 8.91
C ASN C 82 -9.04 12.91 7.49
N TYR C 83 -7.87 13.44 7.22
CA TYR C 83 -7.25 13.35 5.94
C TYR C 83 -6.57 12.00 5.82
N SER C 84 -5.92 11.55 6.90
CA SER C 84 -5.20 10.27 6.88
C SER C 84 -6.04 9.12 6.39
N THR C 85 -7.16 8.89 7.06
CA THR C 85 -7.96 7.71 6.73
C THR C 85 -8.51 7.83 5.33
N TYR C 86 -8.85 9.03 4.91
CA TYR C 86 -9.58 9.20 3.66
C TYR C 86 -8.73 9.91 2.59
N VAL C 87 -7.41 9.70 2.65
CA VAL C 87 -6.47 10.38 1.79
C VAL C 87 -6.78 10.26 0.31
N GLU C 88 -7.25 9.08 -0.12
CA GLU C 88 -7.50 8.90 -1.53
C GLU C 88 -8.82 9.54 -1.87
N TYR C 89 -9.70 9.66 -0.89
CA TYR C 89 -10.93 10.40 -1.15
C TYR C 89 -10.60 11.83 -1.53
N PHE C 90 -9.80 12.48 -0.70
CA PHE C 90 -9.47 13.86 -0.94
C PHE C 90 -8.58 14.01 -2.21
N ASN C 91 -7.53 13.22 -2.33
CA ASN C 91 -6.64 13.31 -3.48
C ASN C 91 -7.31 13.04 -4.82
N SER C 92 -8.38 12.26 -4.76
CA SER C 92 -9.27 11.98 -5.87
C SER C 92 -9.68 13.25 -6.64
N HIS C 93 -9.64 14.40 -5.97
CA HIS C 93 -10.11 15.63 -6.56
C HIS C 93 -8.99 16.46 -7.17
N LEU C 94 -7.74 16.08 -6.93
CA LEU C 94 -6.62 16.88 -7.38
C LEU C 94 -6.65 17.04 -8.90
N HIS C 95 -6.23 18.22 -9.35
CA HIS C 95 -6.10 18.59 -10.78
C HIS C 95 -7.41 18.86 -11.48
N GLN C 96 -8.47 19.07 -10.71
CA GLN C 96 -9.77 19.38 -11.28
C GLN C 96 -10.12 20.85 -11.08
N LYS C 97 -10.96 21.39 -11.95
CA LYS C 97 -11.28 22.80 -11.92
C LYS C 97 -11.94 23.17 -10.61
N HIS C 98 -11.54 24.29 -10.04
CA HIS C 98 -12.15 24.84 -8.85
C HIS C 98 -13.70 24.71 -8.74
N ASP C 99 -14.46 25.03 -9.77
CA ASP C 99 -15.91 25.03 -9.64
C ASP C 99 -16.48 23.60 -9.62
N LYS C 100 -15.77 22.65 -10.22
CA LYS C 100 -16.11 21.23 -10.09
C LYS C 100 -15.77 20.69 -8.70
N VAL C 101 -14.59 21.04 -8.23
CA VAL C 101 -14.13 20.50 -6.98
C VAL C 101 -15.04 20.94 -5.84
N THR C 102 -15.59 22.15 -5.90
CA THR C 102 -16.40 22.65 -4.77
C THR C 102 -17.83 22.12 -4.80
N GLU C 103 -18.18 21.38 -5.83
CA GLU C 103 -19.44 20.63 -5.82
C GLU C 103 -19.45 19.56 -4.72
N THR C 104 -18.27 19.06 -4.35
CA THR C 104 -18.12 17.94 -3.41
C THR C 104 -17.25 18.25 -2.18
N LEU C 105 -16.11 18.89 -2.39
CA LEU C 105 -15.36 19.40 -1.26
C LEU C 105 -15.88 20.81 -1.04
N ARG C 106 -16.92 20.93 -0.23
CA ARG C 106 -17.66 22.18 -0.07
C ARG C 106 -17.07 23.14 0.94
N PRO C 107 -16.86 24.39 0.52
CA PRO C 107 -16.44 25.47 1.43
C PRO C 107 -17.63 26.20 2.07
N ASP C 108 -17.47 26.73 3.28
CA ASP C 108 -18.53 27.57 3.86
C ASP C 108 -18.70 28.82 3.01
N LYS C 109 -17.59 29.39 2.55
CA LYS C 109 -17.66 30.49 1.60
C LYS C 109 -16.54 30.32 0.59
N ASP C 110 -16.89 30.24 -0.70
CA ASP C 110 -15.92 29.97 -1.75
C ASP C 110 -15.04 31.18 -1.89
N LYS C 111 -13.79 30.94 -2.25
CA LYS C 111 -12.79 31.98 -2.17
C LYS C 111 -11.67 31.55 -3.11
N LYS C 112 -10.78 32.45 -3.50
CA LYS C 112 -9.70 32.05 -4.39
C LYS C 112 -8.44 31.64 -3.62
N TYR C 113 -7.53 30.96 -4.33
CA TYR C 113 -6.20 30.59 -3.82
C TYR C 113 -6.20 29.54 -2.70
N VAL C 114 -6.75 29.88 -1.54
CA VAL C 114 -6.82 28.92 -0.42
C VAL C 114 -8.19 28.98 0.26
N VAL C 115 -8.86 27.84 0.30
CA VAL C 115 -10.25 27.75 0.75
C VAL C 115 -10.48 26.64 1.75
N PRO C 116 -11.02 26.99 2.92
CA PRO C 116 -11.37 26.03 3.97
C PRO C 116 -12.52 25.08 3.55
N ILE C 117 -12.39 23.79 3.85
CA ILE C 117 -13.47 22.84 3.61
C ILE C 117 -14.43 22.83 4.81
N THR C 118 -15.73 22.79 4.54
CA THR C 118 -16.70 22.90 5.62
C THR C 118 -16.53 21.78 6.65
N GLN C 119 -16.52 22.17 7.93
CA GLN C 119 -16.47 21.24 9.06
C GLN C 119 -15.28 20.27 9.03
N GLN C 120 -14.19 20.68 8.39
CA GLN C 120 -12.95 19.90 8.44
C GLN C 120 -11.82 20.86 8.68
N PRO C 121 -10.74 20.41 9.35
CA PRO C 121 -9.54 21.23 9.56
C PRO C 121 -8.60 21.14 8.35
N ILE C 122 -9.20 21.11 7.17
CA ILE C 122 -8.46 20.94 5.93
C ILE C 122 -8.75 22.09 5.02
N LYS C 123 -7.70 22.64 4.43
CA LYS C 123 -7.88 23.68 3.41
C LYS C 123 -7.46 23.16 2.01
N MET C 124 -8.20 23.59 0.99
CA MET C 124 -7.82 23.29 -0.39
C MET C 124 -6.94 24.39 -0.94
N ILE C 125 -5.92 23.98 -1.69
CA ILE C 125 -4.98 24.87 -2.34
C ILE C 125 -5.18 24.88 -3.85
N PHE C 126 -5.44 26.05 -4.41
CA PHE C 126 -5.62 26.10 -5.85
C PHE C 126 -4.43 26.72 -6.53
N GLY C 127 -3.85 26.01 -7.48
CA GLY C 127 -2.68 26.50 -8.19
C GLY C 127 -3.06 27.03 -9.55
N ASP C 128 -2.10 27.00 -10.48
CA ASP C 128 -2.30 27.51 -11.84
C ASP C 128 -3.55 26.92 -12.50
N ASN C 129 -4.23 27.77 -13.28
CA ASN C 129 -5.38 27.39 -14.08
C ASN C 129 -6.61 27.12 -13.20
N ASP C 130 -6.54 27.63 -11.96
CA ASP C 130 -7.59 27.41 -10.96
C ASP C 130 -7.98 25.93 -10.81
N LYS C 131 -6.99 25.05 -10.79
CA LYS C 131 -7.19 23.63 -10.53
C LYS C 131 -6.66 23.25 -9.14
N LEU C 132 -7.30 22.27 -8.49
CA LEU C 132 -6.88 21.86 -7.15
C LEU C 132 -5.48 21.30 -7.21
N SER C 133 -4.58 21.89 -6.43
CA SER C 133 -3.17 21.53 -6.47
C SER C 133 -2.65 20.84 -5.20
N GLY C 134 -3.41 20.92 -4.11
CA GLY C 134 -2.97 20.34 -2.86
C GLY C 134 -3.81 20.69 -1.64
N PHE C 135 -3.34 20.29 -0.46
CA PHE C 135 -4.08 20.52 0.80
C PHE C 135 -3.22 21.06 1.96
N VAL C 136 -3.86 21.82 2.85
CA VAL C 136 -3.27 22.15 4.14
C VAL C 136 -3.93 21.23 5.17
N ILE C 137 -3.10 20.49 5.89
CA ILE C 137 -3.54 19.39 6.73
C ILE C 137 -2.90 19.46 8.11
N PRO C 138 -3.67 19.18 9.18
CA PRO C 138 -3.10 19.33 10.53
C PRO C 138 -2.00 18.33 10.86
N MET C 139 -1.09 18.76 11.73
CA MET C 139 0.03 17.93 12.18
C MET C 139 -0.18 17.43 13.61
N THR C 140 0.16 16.16 13.83
CA THR C 140 0.11 15.51 15.15
C THR C 140 1.45 14.84 15.50
N ASN C 141 1.77 14.80 16.80
CA ASN C 141 3.01 14.22 17.33
C ASN C 141 4.20 14.93 16.75
N LYS C 142 4.18 16.25 16.87
CA LYS C 142 5.22 17.09 16.30
C LYS C 142 6.62 16.67 16.73
N THR C 143 6.77 16.43 18.04
CA THR C 143 8.06 16.20 18.66
C THR C 143 8.61 14.80 18.32
N GLU C 144 7.70 13.83 18.20
CA GLU C 144 8.09 12.50 17.75
C GLU C 144 8.53 12.47 16.29
N LEU C 145 8.02 13.42 15.50
CA LEU C 145 8.30 13.43 14.05
C LEU C 145 9.73 13.85 13.75
N LYS C 146 10.22 14.82 14.53
CA LYS C 146 11.48 15.48 14.23
C LYS C 146 12.67 14.54 14.26
N LYS C 147 12.53 13.42 14.96
CA LYS C 147 13.63 12.51 15.11
C LYS C 147 13.41 11.23 14.33
N THR C 148 12.28 11.14 13.65
CA THR C 148 12.01 9.94 12.89
C THR C 148 12.63 10.04 11.49
N PHE C 149 12.68 11.27 10.97
CA PHE C 149 13.27 11.57 9.64
C PHE C 149 14.44 12.54 9.68
N ASN C 150 14.98 12.75 10.87
CA ASN C 150 16.14 13.61 11.08
C ASN C 150 15.89 15.02 10.55
N ILE C 151 15.05 15.75 11.27
CA ILE C 151 14.66 17.10 10.87
C ILE C 151 15.31 18.07 11.84
N THR C 152 15.87 19.17 11.33
CA THR C 152 16.55 20.11 12.22
C THR C 152 16.01 21.54 12.13
N LYS C 153 15.49 21.91 10.95
CA LYS C 153 15.06 23.30 10.67
C LYS C 153 13.54 23.50 10.71
N ASP C 154 13.06 24.74 10.55
CA ASP C 154 11.64 25.07 10.66
C ASP C 154 10.72 24.59 9.51
N VAL C 155 11.32 24.12 8.42
CA VAL C 155 10.57 23.64 7.25
C VAL C 155 11.20 22.36 6.67
N TRP C 156 10.40 21.33 6.43
CA TRP C 156 10.92 20.07 5.94
C TRP C 156 10.13 19.63 4.68
N ILE C 157 10.86 19.28 3.61
CA ILE C 157 10.25 18.86 2.36
C ILE C 157 10.67 17.47 2.00
N THR C 158 9.74 16.68 1.49
CA THR C 158 10.08 15.38 0.97
C THR C 158 9.18 15.06 -0.18
N LYS C 159 9.69 14.26 -1.11
CA LYS C 159 8.85 13.69 -2.13
C LYS C 159 8.01 12.64 -1.44
N SER C 160 6.89 12.33 -2.07
CA SER C 160 5.96 11.31 -1.58
C SER C 160 5.00 10.93 -2.68
N GLY C 161 4.97 9.65 -3.02
CA GLY C 161 4.09 9.16 -4.06
C GLY C 161 4.13 10.07 -5.27
N SER C 162 2.95 10.48 -5.74
CA SER C 162 2.88 11.34 -6.92
C SER C 162 3.13 12.81 -6.60
N GLY C 163 3.48 13.12 -5.35
CA GLY C 163 3.56 14.52 -4.94
C GLY C 163 4.64 14.86 -3.91
N TYR C 164 4.39 15.91 -3.13
CA TYR C 164 5.35 16.40 -2.14
C TYR C 164 4.60 16.69 -0.85
N PHE C 165 5.25 16.42 0.28
CA PHE C 165 4.73 16.82 1.60
C PHE C 165 5.71 17.82 2.19
N ILE C 166 5.18 18.93 2.67
CA ILE C 166 5.98 20.02 3.22
C ILE C 166 5.59 20.29 4.64
N ALA C 167 6.51 20.18 5.58
CA ALA C 167 6.15 20.36 6.98
C ALA C 167 6.42 21.78 7.49
N ASP C 168 5.36 22.50 7.82
CA ASP C 168 5.47 23.74 8.56
C ASP C 168 5.46 23.45 10.05
N MET C 169 6.63 23.56 10.67
CA MET C 169 6.81 23.27 12.07
C MET C 169 6.18 24.30 13.01
N LYS C 170 6.33 25.60 12.72
CA LYS C 170 5.82 26.65 13.62
C LYS C 170 4.34 26.58 13.93
N GLU C 171 3.51 26.38 12.91
CA GLU C 171 2.08 26.37 13.16
C GLU C 171 1.50 24.95 13.05
N GLU C 172 2.41 23.98 12.87
CA GLU C 172 2.09 22.54 12.96
C GLU C 172 1.06 22.09 11.92
N LYS C 173 1.37 22.35 10.66
CA LYS C 173 0.52 21.95 9.56
C LYS C 173 1.35 21.31 8.45
N TRP C 174 0.74 20.40 7.70
CA TRP C 174 1.36 19.86 6.49
C TRP C 174 0.80 20.56 5.25
N ILE C 175 1.65 20.73 4.25
CA ILE C 175 1.20 21.06 2.91
C ILE C 175 1.44 19.89 1.99
N TYR C 176 0.37 19.28 1.49
CA TYR C 176 0.53 18.31 0.41
C TYR C 176 0.28 19.00 -0.92
N ILE C 177 1.24 18.91 -1.82
CA ILE C 177 1.18 19.54 -3.13
C ILE C 177 1.47 18.51 -4.22
N GLU C 178 0.72 18.58 -5.31
CA GLU C 178 0.91 17.61 -6.36
C GLU C 178 1.13 18.29 -7.73
N LEU C 179 2.24 17.91 -8.37
CA LEU C 179 2.72 18.48 -9.64
C LEU C 179 2.97 19.99 -9.46
#